data_2JF4
#
_entry.id   2JF4
#
_cell.length_a   49.399
_cell.length_b   102.696
_cell.length_c   103.174
_cell.angle_alpha   90.00
_cell.angle_beta   90.00
_cell.angle_gamma   90.00
#
_symmetry.space_group_name_H-M   'P 21 21 21'
#
loop_
_entity.id
_entity.type
_entity.pdbx_description
1 polymer 'PERIPLASMIC TREHALASE'
2 non-polymer (1S,2S,3R,6S)-4-(HYDROXYMETHYL)-6-{[(1S,2S,3S,4R,5R)-2,3,4-TRIHYDROXY-5-(HYDROXYMETHYL)CYCLOHEXYL]AMINO}CYCLOHEX-4-ENE-1,2,3-TRIOL
3 water water
#
_entity_poly.entity_id   1
_entity_poly.type   'polypeptide(L)'
_entity_poly.pdbx_seq_one_letter_code
;EETPVTPQPPDILLGPLFNDVQNAKLFPDQKTFADAVPNSDPL(MSE)ILADYR(MSE)QQNQSGFDLRHFVNVNFTLPK
EGEKYVPPEGQSLREHIDGLWPVLTRSTENTEKWDSLLPLPEPYVVPGGRFREVYYWDSYFT(MSE)LGLAESGHWDKVA
D(MSE)VANFAHEIDTYGHIPNGNRSYYLSRSQPPFFAL(MSE)VELLAQHEGDAALKQYLPQ(MSE)QKEYAYW(MSE)
DGVENLQAGQQEKRVVKLQDGTLLNRYWDDRDTPRPESWVEDIATAKSNPNRPATEIYRDLRSAAASGWDFSSRW(MSE)
DNPQQLNTLRTTSIVPVDLNSL(MSE)FK(MSE)EKILARASKAAGDNA(MSE)ANQYETLANARQKGIEKYLWNDQQGW
YADYDLKSHKVRNQLTAAALFPLYVNAAAKDRANK(MSE)ATATKTHLLQPGGLNTTSVKSGQQWDAPNGWAPLQWVATE
GLQNYGQKEVA(MSE)DISWHFLTNVQHTYDREKKLVEKYDVSTTGTGGGGGEYPLQDGFGWTNGVTLK(MSE)LDLICP
KEQPCDNVPATRPTVKSATTQPSTKEAQPTP
;
_entity_poly.pdbx_strand_id   A
#
loop_
_chem_comp.id
_chem_comp.type
_chem_comp.name
_chem_comp.formula
VDM non-polymer (1S,2S,3R,6S)-4-(HYDROXYMETHYL)-6-{[(1S,2S,3S,4R,5R)-2,3,4-TRIHYDROXY-5-(HYDROXYMETHYL)CYCLOHEXYL]AMINO}CYCLOHEX-4-ENE-1,2,3-TRIOL 'C14 H25 N O8'
#
# COMPACT_ATOMS: atom_id res chain seq x y z
N PRO A 7 -13.64 2.24 -18.34
CA PRO A 7 -13.53 3.51 -17.64
C PRO A 7 -12.20 4.18 -17.99
N GLN A 8 -12.25 5.45 -18.37
CA GLN A 8 -11.04 6.16 -18.77
C GLN A 8 -10.66 7.12 -17.64
N PRO A 9 -9.36 7.21 -17.30
CA PRO A 9 -8.95 8.15 -16.25
C PRO A 9 -9.32 9.59 -16.64
N PRO A 10 -9.53 10.47 -15.65
CA PRO A 10 -10.13 11.79 -15.93
C PRO A 10 -9.32 12.68 -16.88
N ASP A 11 -7.99 12.53 -16.91
CA ASP A 11 -7.16 13.29 -17.84
C ASP A 11 -7.41 12.94 -19.31
N ILE A 12 -7.84 11.71 -19.55
CA ILE A 12 -8.13 11.24 -20.90
C ILE A 12 -9.58 11.59 -21.20
N LEU A 13 -10.45 11.19 -20.28
CA LEU A 13 -11.88 11.48 -20.37
C LEU A 13 -12.18 12.97 -20.60
N LEU A 14 -11.54 13.85 -19.81
CA LEU A 14 -11.79 15.31 -19.86
C LEU A 14 -10.70 16.12 -20.53
N GLY A 15 -9.74 15.43 -21.15
CA GLY A 15 -8.67 16.05 -21.97
C GLY A 15 -8.14 17.42 -21.57
N PRO A 16 -8.29 18.40 -22.46
CA PRO A 16 -7.73 19.73 -22.19
C PRO A 16 -8.32 20.40 -20.94
N LEU A 17 -9.61 20.22 -20.71
CA LEU A 17 -10.28 20.82 -19.53
C LEU A 17 -9.71 20.36 -18.18
N PHE A 18 -9.43 19.06 -18.05
CA PHE A 18 -8.85 18.51 -16.83
C PHE A 18 -7.48 19.17 -16.51
N ASN A 19 -6.60 19.20 -17.50
CA ASN A 19 -5.32 19.89 -17.40
C ASN A 19 -5.50 21.33 -16.90
N ASP A 20 -6.43 22.06 -17.54
CA ASP A 20 -6.67 23.47 -17.23
C ASP A 20 -7.27 23.71 -15.84
N VAL A 21 -8.20 22.85 -15.42
CA VAL A 21 -8.77 22.96 -14.06
C VAL A 21 -7.74 22.65 -12.98
N GLN A 22 -6.98 21.57 -13.16
CA GLN A 22 -5.89 21.24 -12.24
C GLN A 22 -4.84 22.35 -12.18
N ASN A 23 -4.29 22.75 -13.33
CA ASN A 23 -3.29 23.83 -13.39
C ASN A 23 -3.78 25.13 -12.80
N ALA A 24 -5.07 25.43 -12.92
CA ALA A 24 -5.64 26.66 -12.34
C ALA A 24 -5.70 26.59 -10.82
N LYS A 25 -5.58 25.37 -10.29
CA LYS A 25 -5.65 25.13 -8.85
C LYS A 25 -6.90 25.75 -8.22
N LEU A 26 -8.05 25.45 -8.83
CA LEU A 26 -9.35 25.94 -8.35
C LEU A 26 -9.69 25.36 -7.00
N PHE A 27 -9.07 24.21 -6.69
CA PHE A 27 -9.27 23.50 -5.44
C PHE A 27 -7.94 23.24 -4.77
N PRO A 28 -7.90 23.38 -3.43
CA PRO A 28 -6.67 23.16 -2.64
C PRO A 28 -6.09 21.74 -2.75
N ASP A 29 -6.92 20.72 -2.96
CA ASP A 29 -6.42 19.35 -3.21
C ASP A 29 -6.61 19.02 -4.70
N GLN A 30 -5.57 18.47 -5.34
CA GLN A 30 -5.64 18.01 -6.73
C GLN A 30 -6.55 16.80 -6.92
N LYS A 31 -6.76 16.05 -5.85
CA LYS A 31 -7.64 14.88 -5.89
C LYS A 31 -9.12 15.30 -6.03
N THR A 32 -9.46 16.51 -5.60
CA THR A 32 -10.84 17.04 -5.69
C THR A 32 -11.48 16.94 -7.08
N PHE A 33 -10.84 17.58 -8.07
CA PHE A 33 -11.39 17.56 -9.41
C PHE A 33 -11.25 16.18 -10.09
N ALA A 34 -10.20 15.43 -9.72
CA ALA A 34 -10.06 14.03 -10.11
C ALA A 34 -11.26 13.16 -9.71
N ASP A 35 -11.93 13.55 -8.63
CA ASP A 35 -13.13 12.83 -8.13
C ASP A 35 -14.45 13.52 -8.49
N ALA A 36 -14.39 14.49 -9.40
CA ALA A 36 -15.59 15.21 -9.79
C ALA A 36 -16.36 14.43 -10.85
N VAL A 37 -17.68 14.53 -10.79
CA VAL A 37 -18.56 13.82 -11.73
C VAL A 37 -19.16 14.78 -12.79
N PRO A 38 -18.91 14.49 -14.08
CA PRO A 38 -19.52 15.27 -15.17
C PRO A 38 -21.04 15.14 -15.13
N ASN A 39 -21.73 16.29 -15.16
CA ASN A 39 -23.21 16.33 -15.18
C ASN A 39 -23.81 15.85 -16.49
N SER A 40 -22.97 15.79 -17.53
CA SER A 40 -23.39 15.37 -18.86
C SER A 40 -22.22 14.72 -19.58
N ASP A 41 -22.46 14.24 -20.80
CA ASP A 41 -21.42 13.59 -21.61
C ASP A 41 -20.16 14.46 -21.69
N PRO A 42 -19.01 13.88 -21.34
CA PRO A 42 -17.75 14.60 -21.48
C PRO A 42 -17.56 15.26 -22.85
N LEU A 43 -17.83 14.55 -23.95
CA LEU A 43 -17.64 15.09 -25.31
C LEU A 43 -18.40 16.38 -25.53
N MSE A 44 -19.53 16.49 -24.84
CA MSE A 44 -20.39 17.64 -24.92
C MSE A 44 -19.86 18.81 -24.10
O MSE A 44 -19.85 19.96 -24.56
CB MSE A 44 -21.77 17.22 -24.44
CG MSE A 44 -22.65 18.35 -24.06
SE MSE A 44 -24.39 17.98 -24.85
CE MSE A 44 -24.78 19.83 -25.45
N ILE A 45 -19.45 18.52 -22.86
CA ILE A 45 -18.83 19.51 -21.98
C ILE A 45 -17.55 20.05 -22.64
N LEU A 46 -16.80 19.18 -23.32
CA LEU A 46 -15.55 19.55 -23.98
C LEU A 46 -15.75 20.42 -25.23
N ALA A 47 -16.77 20.11 -26.04
CA ALA A 47 -17.16 20.93 -27.20
C ALA A 47 -17.57 22.33 -26.72
N ASP A 48 -18.40 22.34 -25.67
CA ASP A 48 -18.83 23.54 -25.00
C ASP A 48 -17.68 24.41 -24.48
N TYR A 49 -16.73 23.78 -23.79
CA TYR A 49 -15.54 24.46 -23.25
C TYR A 49 -14.72 25.08 -24.38
N ARG A 50 -14.52 24.34 -25.48
CA ARG A 50 -13.73 24.83 -26.62
C ARG A 50 -14.34 26.10 -27.21
N MSE A 51 -15.67 26.18 -27.19
CA MSE A 51 -16.44 27.34 -27.65
C MSE A 51 -16.26 28.54 -26.73
O MSE A 51 -16.00 29.65 -27.21
CB MSE A 51 -17.93 26.98 -27.72
CG MSE A 51 -18.78 27.98 -28.48
SE MSE A 51 -18.44 27.87 -30.43
CE MSE A 51 -19.19 26.06 -30.72
N GLN A 52 -16.39 28.33 -25.42
CA GLN A 52 -16.40 29.40 -24.44
C GLN A 52 -15.02 29.88 -23.98
N GLN A 53 -14.05 28.98 -23.96
CA GLN A 53 -12.80 29.22 -23.21
C GLN A 53 -12.08 30.53 -23.59
N ASN A 54 -12.17 30.92 -24.87
CA ASN A 54 -11.48 32.11 -25.36
C ASN A 54 -12.37 33.36 -25.49
N GLN A 55 -13.62 33.25 -25.05
CA GLN A 55 -14.57 34.38 -25.06
C GLN A 55 -14.24 35.36 -23.96
N SER A 56 -14.61 36.63 -24.14
CA SER A 56 -14.29 37.68 -23.16
C SER A 56 -15.05 37.45 -21.85
N GLY A 57 -14.32 37.42 -20.74
CA GLY A 57 -14.94 37.22 -19.42
C GLY A 57 -15.43 35.81 -19.12
N PHE A 58 -14.84 34.81 -19.81
CA PHE A 58 -15.07 33.41 -19.47
C PHE A 58 -14.55 33.14 -18.06
N ASP A 59 -15.38 32.52 -17.21
CA ASP A 59 -14.97 32.12 -15.87
C ASP A 59 -14.88 30.60 -15.75
N LEU A 60 -13.66 30.08 -15.66
CA LEU A 60 -13.42 28.63 -15.56
C LEU A 60 -14.16 28.00 -14.38
N ARG A 61 -14.03 28.62 -13.21
CA ARG A 61 -14.64 28.13 -11.99
C ARG A 61 -16.15 27.99 -12.15
N HIS A 62 -16.77 29.00 -12.75
CA HIS A 62 -18.20 28.94 -12.96
C HIS A 62 -18.58 27.82 -13.94
N PHE A 63 -17.79 27.67 -15.00
CA PHE A 63 -17.97 26.59 -15.95
C PHE A 63 -17.91 25.19 -15.29
N VAL A 64 -17.01 25.03 -14.32
CA VAL A 64 -16.87 23.79 -13.55
C VAL A 64 -18.07 23.54 -12.60
N ASN A 65 -18.54 24.58 -11.91
CA ASN A 65 -19.69 24.44 -10.98
C ASN A 65 -20.97 24.00 -11.67
N VAL A 66 -21.12 24.48 -12.90
CA VAL A 66 -22.27 24.22 -13.76
C VAL A 66 -22.16 22.83 -14.39
N ASN A 67 -20.97 22.37 -14.71
CA ASN A 67 -20.86 21.12 -15.43
C ASN A 67 -20.51 19.87 -14.61
N PHE A 68 -20.18 20.06 -13.34
CA PHE A 68 -19.64 18.97 -12.50
C PHE A 68 -20.18 18.94 -11.10
N THR A 69 -20.39 17.74 -10.58
CA THR A 69 -20.67 17.56 -9.17
C THR A 69 -19.36 17.20 -8.48
N LEU A 70 -18.98 18.02 -7.52
CA LEU A 70 -17.73 17.83 -6.80
C LEU A 70 -17.99 17.03 -5.52
N PRO A 71 -16.95 16.32 -5.02
CA PRO A 71 -17.12 15.47 -3.84
C PRO A 71 -17.58 16.22 -2.59
N GLN A 83 -15.42 8.33 25.99
CA GLN A 83 -15.34 6.97 25.45
C GLN A 83 -13.93 6.42 25.24
N SER A 84 -13.81 5.11 25.39
CA SER A 84 -12.51 4.48 25.33
C SER A 84 -11.99 4.37 23.89
N LEU A 85 -10.69 4.08 23.77
CA LEU A 85 -10.06 3.85 22.48
C LEU A 85 -10.82 2.77 21.69
N ARG A 86 -11.16 1.68 22.38
CA ARG A 86 -11.86 0.54 21.79
C ARG A 86 -13.27 0.91 21.30
N GLU A 87 -14.02 1.66 22.11
CA GLU A 87 -15.36 2.11 21.73
C GLU A 87 -15.30 3.03 20.53
N HIS A 88 -14.30 3.90 20.51
CA HIS A 88 -14.13 4.87 19.43
C HIS A 88 -13.90 4.18 18.07
N ILE A 89 -13.01 3.19 18.06
CA ILE A 89 -12.73 2.40 16.86
C ILE A 89 -13.97 1.66 16.36
N ASP A 90 -14.69 0.99 17.27
CA ASP A 90 -15.88 0.23 16.89
C ASP A 90 -16.99 1.13 16.30
N GLY A 91 -17.16 2.33 16.85
CA GLY A 91 -18.09 3.31 16.29
C GLY A 91 -17.64 3.97 15.00
N LEU A 92 -16.35 3.87 14.68
CA LEU A 92 -15.87 4.42 13.41
C LEU A 92 -16.21 3.56 12.20
N TRP A 93 -16.28 2.24 12.37
CA TRP A 93 -16.51 1.34 11.24
C TRP A 93 -17.68 1.76 10.30
N PRO A 94 -18.88 2.10 10.85
CA PRO A 94 -19.95 2.66 9.99
C PRO A 94 -19.60 3.97 9.27
N VAL A 95 -18.87 4.86 9.93
CA VAL A 95 -18.48 6.14 9.34
C VAL A 95 -17.52 5.92 8.16
N LEU A 96 -16.70 4.88 8.25
CA LEU A 96 -15.70 4.59 7.22
C LEU A 96 -16.23 3.64 6.13
N THR A 97 -17.45 3.13 6.32
CA THR A 97 -18.07 2.19 5.40
C THR A 97 -18.83 2.92 4.27
N ARG A 98 -18.58 2.47 3.03
CA ARG A 98 -19.31 2.99 1.88
CA ARG A 98 -19.23 2.98 1.83
C ARG A 98 -19.91 1.84 1.10
N SER A 99 -21.01 2.11 0.41
CA SER A 99 -21.67 1.11 -0.43
C SER A 99 -21.95 1.72 -1.78
N THR A 100 -21.22 1.28 -2.81
CA THR A 100 -21.40 1.83 -4.16
C THR A 100 -21.48 0.73 -5.22
N GLU A 101 -22.62 0.03 -5.21
CA GLU A 101 -22.90 -1.03 -6.19
C GLU A 101 -23.14 -0.45 -7.58
N ASN A 102 -23.73 0.73 -7.63
CA ASN A 102 -23.88 1.49 -8.86
C ASN A 102 -23.21 2.82 -8.68
N THR A 103 -22.83 3.40 -9.81
CA THR A 103 -22.12 4.66 -9.81
C THR A 103 -22.71 5.50 -10.94
N GLU A 104 -22.76 6.83 -10.77
CA GLU A 104 -23.18 7.70 -11.89
C GLU A 104 -22.32 7.49 -13.13
N LYS A 105 -22.85 7.83 -14.28
CA LYS A 105 -22.07 7.78 -15.51
C LYS A 105 -20.93 8.80 -15.44
N TRP A 106 -19.74 8.34 -15.83
CA TRP A 106 -18.51 9.17 -15.90
C TRP A 106 -17.86 9.52 -14.53
N ASP A 107 -18.36 8.92 -13.45
CA ASP A 107 -17.69 9.02 -12.15
C ASP A 107 -16.34 8.30 -12.23
N SER A 108 -15.32 8.83 -11.57
CA SER A 108 -14.04 8.16 -11.48
C SER A 108 -14.11 6.98 -10.49
N LEU A 109 -15.05 7.05 -9.56
CA LEU A 109 -15.26 5.96 -8.62
C LEU A 109 -15.76 4.69 -9.35
N LEU A 110 -15.09 3.56 -9.09
CA LEU A 110 -15.46 2.28 -9.73
C LEU A 110 -16.39 1.49 -8.82
N PRO A 111 -17.45 0.88 -9.40
CA PRO A 111 -18.40 0.14 -8.57
C PRO A 111 -17.89 -1.16 -8.00
N LEU A 112 -18.40 -1.50 -6.83
CA LEU A 112 -18.04 -2.73 -6.15
C LEU A 112 -19.31 -3.42 -5.66
N PRO A 113 -19.35 -4.76 -5.76
CA PRO A 113 -20.57 -5.52 -5.40
C PRO A 113 -20.98 -5.41 -3.93
N GLU A 114 -20.03 -5.19 -3.02
CA GLU A 114 -20.30 -5.22 -1.56
C GLU A 114 -19.83 -3.94 -0.85
N PRO A 115 -20.37 -3.67 0.35
CA PRO A 115 -19.86 -2.54 1.15
C PRO A 115 -18.38 -2.68 1.48
N TYR A 116 -17.70 -1.56 1.61
CA TYR A 116 -16.26 -1.59 1.87
C TYR A 116 -15.88 -0.47 2.78
N VAL A 117 -14.75 -0.62 3.45
CA VAL A 117 -14.25 0.38 4.39
C VAL A 117 -13.17 1.19 3.68
N VAL A 118 -13.26 2.52 3.81
CA VAL A 118 -12.28 3.43 3.21
C VAL A 118 -11.35 3.91 4.35
N PRO A 119 -10.14 4.39 4.01
CA PRO A 119 -9.24 4.87 5.07
C PRO A 119 -9.74 6.07 5.89
N GLY A 120 -10.26 7.09 5.22
CA GLY A 120 -10.75 8.26 5.88
C GLY A 120 -10.19 9.50 5.22
N GLY A 121 -10.79 10.64 5.55
CA GLY A 121 -10.38 11.95 5.03
C GLY A 121 -10.56 12.01 3.53
N ARG A 122 -9.51 12.47 2.85
CA ARG A 122 -9.50 12.59 1.39
C ARG A 122 -9.54 11.25 0.68
N PHE A 123 -9.27 10.16 1.41
CA PHE A 123 -9.32 8.83 0.83
C PHE A 123 -10.73 8.27 0.95
N ARG A 124 -11.53 8.55 -0.07
CA ARG A 124 -12.95 8.16 -0.13
C ARG A 124 -13.17 7.01 -1.13
N GLU A 125 -12.24 6.06 -1.13
CA GLU A 125 -12.33 4.86 -1.95
C GLU A 125 -11.53 3.75 -1.23
N VAL A 126 -11.77 2.50 -1.61
CA VAL A 126 -11.03 1.39 -1.02
C VAL A 126 -9.57 1.38 -1.53
N TYR A 127 -8.64 1.05 -0.66
CA TYR A 127 -7.22 0.89 -1.02
C TYR A 127 -6.85 -0.56 -0.85
N TYR A 128 -5.93 -1.03 -1.68
CA TYR A 128 -5.52 -2.43 -1.68
C TYR A 128 -4.82 -2.82 -0.37
N TRP A 129 -3.60 -2.33 -0.13
CA TRP A 129 -2.90 -2.83 1.05
C TRP A 129 -3.48 -2.38 2.39
N ASP A 130 -4.04 -1.17 2.47
CA ASP A 130 -4.82 -0.72 3.65
C ASP A 130 -5.87 -1.70 4.11
N SER A 131 -6.61 -2.28 3.16
CA SER A 131 -7.74 -3.17 3.49
C SER A 131 -7.32 -4.42 4.23
N TYR A 132 -6.10 -4.93 4.02
CA TYR A 132 -5.68 -6.11 4.75
C TYR A 132 -5.59 -5.82 6.27
N PHE A 133 -4.94 -4.70 6.60
CA PHE A 133 -4.75 -4.26 7.98
C PHE A 133 -6.05 -3.81 8.67
N THR A 134 -6.94 -3.19 7.90
CA THR A 134 -8.30 -2.90 8.34
C THR A 134 -9.08 -4.17 8.62
N MSE A 135 -9.01 -5.14 7.70
CA MSE A 135 -9.67 -6.43 7.87
C MSE A 135 -9.17 -7.20 9.11
O MSE A 135 -9.92 -7.94 9.72
CB MSE A 135 -9.54 -7.30 6.61
CG MSE A 135 -10.35 -6.78 5.42
SE MSE A 135 -9.57 -7.23 3.64
CE MSE A 135 -9.97 -9.15 3.72
N LEU A 136 -7.89 -7.01 9.47
CA LEU A 136 -7.37 -7.57 10.72
C LEU A 136 -8.19 -7.09 11.92
N GLY A 137 -8.57 -5.82 11.89
CA GLY A 137 -9.34 -5.22 12.96
C GLY A 137 -10.76 -5.74 12.96
N LEU A 138 -11.36 -5.75 11.78
CA LEU A 138 -12.70 -6.29 11.58
C LEU A 138 -12.81 -7.74 12.05
N ALA A 139 -11.86 -8.58 11.63
CA ALA A 139 -11.79 -9.99 12.02
C ALA A 139 -11.70 -10.14 13.54
N GLU A 140 -10.94 -9.25 14.17
CA GLU A 140 -10.68 -9.28 15.61
C GLU A 140 -11.94 -8.93 16.38
N SER A 141 -12.74 -8.05 15.78
CA SER A 141 -14.02 -7.63 16.33
C SER A 141 -15.20 -8.58 15.98
N GLY A 142 -14.92 -9.67 15.28
CA GLY A 142 -15.96 -10.64 14.87
C GLY A 142 -16.84 -10.17 13.72
N HIS A 143 -16.43 -9.10 13.04
CA HIS A 143 -17.11 -8.64 11.84
C HIS A 143 -16.61 -9.47 10.63
N TRP A 144 -16.74 -10.79 10.71
CA TRP A 144 -16.31 -11.68 9.64
C TRP A 144 -17.13 -11.49 8.36
N ASP A 145 -18.37 -10.99 8.52
CA ASP A 145 -19.24 -10.70 7.35
C ASP A 145 -18.64 -9.60 6.49
N LYS A 146 -18.09 -8.56 7.14
CA LYS A 146 -17.44 -7.49 6.43
C LYS A 146 -16.15 -7.96 5.81
N VAL A 147 -15.42 -8.84 6.49
CA VAL A 147 -14.22 -9.44 5.94
C VAL A 147 -14.53 -10.26 4.67
N ALA A 148 -15.54 -11.14 4.73
CA ALA A 148 -16.04 -11.86 3.53
C ALA A 148 -16.42 -10.92 2.36
N ASP A 149 -17.10 -9.82 2.70
CA ASP A 149 -17.52 -8.81 1.71
C ASP A 149 -16.33 -8.16 1.00
N MSE A 150 -15.26 -7.89 1.74
CA MSE A 150 -14.07 -7.28 1.18
C MSE A 150 -13.22 -8.20 0.32
O MSE A 150 -12.70 -7.78 -0.71
CB MSE A 150 -13.25 -6.63 2.29
CG MSE A 150 -14.16 -5.84 3.21
SE MSE A 150 -13.41 -4.17 3.85
CE MSE A 150 -12.87 -3.46 2.10
N VAL A 151 -13.07 -9.45 0.74
CA VAL A 151 -12.42 -10.44 -0.10
C VAL A 151 -13.19 -10.56 -1.42
N ALA A 152 -14.53 -10.61 -1.33
CA ALA A 152 -15.39 -10.69 -2.50
C ALA A 152 -15.21 -9.49 -3.42
N ASN A 153 -15.12 -8.29 -2.87
CA ASN A 153 -14.82 -7.05 -3.61
C ASN A 153 -13.49 -7.11 -4.38
N PHE A 154 -12.43 -7.57 -3.71
CA PHE A 154 -11.13 -7.71 -4.35
C PHE A 154 -11.09 -8.80 -5.42
N ALA A 155 -11.76 -9.94 -5.18
CA ALA A 155 -11.92 -11.00 -6.18
C ALA A 155 -12.63 -10.47 -7.46
N HIS A 156 -13.67 -9.65 -7.24
CA HIS A 156 -14.39 -8.99 -8.32
C HIS A 156 -13.51 -8.06 -9.17
N GLU A 157 -12.62 -7.30 -8.51
CA GLU A 157 -11.71 -6.40 -9.22
C GLU A 157 -10.71 -7.21 -10.02
N ILE A 158 -10.22 -8.30 -9.43
CA ILE A 158 -9.30 -9.20 -10.15
C ILE A 158 -9.96 -9.73 -11.45
N ASP A 159 -11.20 -10.21 -11.34
CA ASP A 159 -11.90 -10.73 -12.51
C ASP A 159 -12.25 -9.66 -13.52
N THR A 160 -12.57 -8.45 -13.03
CA THR A 160 -13.00 -7.34 -13.87
C THR A 160 -11.82 -6.63 -14.55
N TYR A 161 -10.74 -6.36 -13.82
CA TYR A 161 -9.62 -5.57 -14.36
C TYR A 161 -8.36 -6.39 -14.66
N GLY A 162 -8.33 -7.65 -14.20
CA GLY A 162 -7.14 -8.49 -14.37
C GLY A 162 -6.17 -8.33 -13.21
N HIS A 163 -6.45 -7.41 -12.30
CA HIS A 163 -5.62 -7.20 -11.15
C HIS A 163 -6.33 -6.29 -10.15
N ILE A 164 -5.73 -6.11 -8.96
CA ILE A 164 -6.28 -5.19 -7.97
C ILE A 164 -5.72 -3.78 -8.15
N PRO A 165 -6.59 -2.82 -8.54
CA PRO A 165 -6.03 -1.47 -8.72
C PRO A 165 -5.60 -0.89 -7.35
N ASN A 166 -4.74 0.12 -7.38
CA ASN A 166 -4.30 0.87 -6.18
C ASN A 166 -5.50 1.17 -5.29
N GLY A 167 -6.62 1.57 -5.92
CA GLY A 167 -7.93 1.73 -5.28
C GLY A 167 -9.03 1.67 -6.32
N ASN A 168 -10.29 1.73 -5.92
CA ASN A 168 -11.40 1.71 -6.91
C ASN A 168 -11.70 3.07 -7.56
N ARG A 169 -10.71 3.60 -8.26
CA ARG A 169 -10.81 4.86 -9.03
C ARG A 169 -10.22 4.58 -10.40
N SER A 170 -10.75 5.23 -11.43
CA SER A 170 -10.25 5.04 -12.79
C SER A 170 -8.78 5.47 -12.93
N TYR A 171 -8.31 6.38 -12.08
CA TYR A 171 -6.93 6.85 -12.17
C TYR A 171 -5.93 5.96 -11.39
N TYR A 172 -6.43 4.81 -10.90
CA TYR A 172 -5.66 3.79 -10.19
C TYR A 172 -5.59 2.48 -10.98
N LEU A 173 -6.25 2.45 -12.14
CA LEU A 173 -6.31 1.22 -12.95
C LEU A 173 -4.99 0.81 -13.59
N SER A 174 -4.06 1.75 -13.78
CA SER A 174 -2.80 1.43 -14.43
C SER A 174 -1.74 0.83 -13.49
N ARG A 175 -2.09 0.68 -12.22
CA ARG A 175 -1.18 0.12 -11.22
C ARG A 175 -1.89 -0.71 -10.16
N SER A 176 -1.09 -1.37 -9.33
CA SER A 176 -1.63 -2.14 -8.22
C SER A 176 -1.16 -1.50 -6.91
N GLN A 177 -0.86 -2.34 -5.92
CA GLN A 177 -0.25 -1.91 -4.65
C GLN A 177 0.47 -3.14 -4.05
N PRO A 178 1.13 -3.01 -2.89
CA PRO A 178 1.69 -4.25 -2.33
C PRO A 178 0.64 -5.38 -2.25
N PRO A 179 0.97 -6.54 -2.84
CA PRO A 179 -0.03 -7.60 -3.04
C PRO A 179 -0.36 -8.40 -1.77
N PHE A 180 -1.42 -7.97 -1.09
CA PHE A 180 -1.92 -8.64 0.10
C PHE A 180 -3.14 -9.55 -0.13
N PHE A 181 -3.59 -9.73 -1.37
CA PHE A 181 -4.84 -10.51 -1.60
C PHE A 181 -4.75 -11.92 -1.09
N ALA A 182 -3.64 -12.61 -1.36
CA ALA A 182 -3.49 -13.99 -0.90
C ALA A 182 -3.52 -14.08 0.63
N LEU A 183 -2.92 -13.09 1.28
CA LEU A 183 -2.97 -12.96 2.73
C LEU A 183 -4.38 -12.68 3.23
N MSE A 184 -5.16 -11.87 2.49
CA MSE A 184 -6.56 -11.65 2.84
C MSE A 184 -7.36 -12.95 2.79
O MSE A 184 -8.20 -13.20 3.67
CB MSE A 184 -7.25 -10.65 1.90
CG MSE A 184 -6.64 -9.28 1.84
SE MSE A 184 -7.55 -8.23 0.44
CE MSE A 184 -6.55 -6.55 0.69
N VAL A 185 -7.13 -13.75 1.74
CA VAL A 185 -7.78 -15.05 1.58
C VAL A 185 -7.41 -16.00 2.74
N GLU A 186 -6.14 -15.99 3.14
CA GLU A 186 -5.65 -16.72 4.33
C GLU A 186 -6.32 -16.22 5.62
N LEU A 187 -6.46 -14.92 5.77
CA LEU A 187 -7.23 -14.35 6.88
C LEU A 187 -8.66 -14.91 6.91
N LEU A 188 -9.35 -14.88 5.78
CA LEU A 188 -10.72 -15.40 5.71
C LEU A 188 -10.79 -16.90 6.05
N ALA A 189 -9.80 -17.68 5.59
CA ALA A 189 -9.66 -19.10 5.92
C ALA A 189 -9.45 -19.39 7.43
N GLN A 190 -8.92 -18.44 8.19
CA GLN A 190 -8.82 -18.60 9.65
C GLN A 190 -10.21 -18.77 10.28
N HIS A 191 -11.22 -18.20 9.64
CA HIS A 191 -12.61 -18.34 10.08
C HIS A 191 -13.39 -19.44 9.33
N GLU A 192 -13.24 -19.49 8.01
CA GLU A 192 -14.04 -20.38 7.15
C GLU A 192 -13.35 -21.70 6.76
N GLY A 193 -12.10 -21.91 7.17
CA GLY A 193 -11.36 -23.11 6.78
C GLY A 193 -10.85 -23.04 5.34
N ASP A 194 -10.31 -24.16 4.87
CA ASP A 194 -9.73 -24.23 3.52
CA ASP A 194 -9.71 -24.21 3.53
C ASP A 194 -10.70 -23.92 2.38
N ALA A 195 -11.99 -23.94 2.70
CA ALA A 195 -13.04 -23.62 1.73
C ALA A 195 -12.81 -22.24 1.12
N ALA A 196 -12.31 -21.29 1.93
CA ALA A 196 -12.03 -19.93 1.43
C ALA A 196 -10.84 -19.94 0.48
N LEU A 197 -9.80 -20.71 0.79
CA LEU A 197 -8.63 -20.86 -0.08
C LEU A 197 -8.98 -21.43 -1.46
N LYS A 198 -9.78 -22.48 -1.44
CA LYS A 198 -10.26 -23.16 -2.65
C LYS A 198 -11.21 -22.29 -3.47
N GLN A 199 -12.12 -21.60 -2.78
CA GLN A 199 -13.03 -20.64 -3.41
C GLN A 199 -12.32 -19.53 -4.23
N TYR A 200 -11.22 -19.01 -3.69
CA TYR A 200 -10.57 -17.85 -4.29
C TYR A 200 -9.26 -18.17 -5.04
N LEU A 201 -8.97 -19.47 -5.17
CA LEU A 201 -7.83 -19.97 -5.92
C LEU A 201 -7.76 -19.38 -7.35
N PRO A 202 -8.89 -19.38 -8.10
CA PRO A 202 -8.82 -18.83 -9.48
C PRO A 202 -8.40 -17.35 -9.53
N GLN A 203 -8.88 -16.54 -8.58
CA GLN A 203 -8.51 -15.14 -8.53
C GLN A 203 -7.08 -14.94 -8.06
N MSE A 204 -6.61 -15.78 -7.14
CA MSE A 204 -5.20 -15.75 -6.73
C MSE A 204 -4.22 -16.07 -7.85
O MSE A 204 -3.21 -15.37 -8.01
CB MSE A 204 -4.95 -16.66 -5.51
CG MSE A 204 -5.46 -16.07 -4.21
SE MSE A 204 -4.98 -17.17 -2.65
CE MSE A 204 -6.04 -18.77 -3.05
N GLN A 205 -4.51 -17.14 -8.60
CA GLN A 205 -3.79 -17.44 -9.84
C GLN A 205 -3.84 -16.27 -10.83
N LYS A 206 -5.01 -15.67 -11.02
CA LYS A 206 -5.18 -14.51 -11.91
C LYS A 206 -4.32 -13.30 -11.48
N GLU A 207 -4.31 -12.98 -10.19
CA GLU A 207 -3.42 -11.94 -9.68
C GLU A 207 -1.95 -12.32 -9.89
N TYR A 208 -1.59 -13.55 -9.58
CA TYR A 208 -0.22 -14.02 -9.84
C TYR A 208 0.21 -13.82 -11.31
N ALA A 209 -0.66 -14.18 -12.26
CA ALA A 209 -0.38 -13.99 -13.69
C ALA A 209 -0.17 -12.51 -14.09
N TYR A 210 -0.86 -11.59 -13.42
CA TYR A 210 -0.59 -10.17 -13.55
C TYR A 210 0.83 -9.78 -13.11
N TRP A 211 1.22 -10.20 -11.91
CA TRP A 211 2.54 -9.89 -11.40
C TRP A 211 3.65 -10.47 -12.31
N MSE A 212 3.41 -11.67 -12.84
CA MSE A 212 4.37 -12.39 -13.69
C MSE A 212 4.25 -12.08 -15.20
O MSE A 212 5.01 -12.62 -15.99
CB MSE A 212 4.26 -13.92 -13.47
CG MSE A 212 4.67 -14.43 -12.08
SE MSE A 212 6.14 -13.46 -11.14
CE MSE A 212 7.64 -14.02 -12.28
N ASP A 213 3.31 -11.23 -15.59
CA ASP A 213 3.09 -10.95 -17.02
C ASP A 213 4.35 -10.38 -17.67
N GLY A 214 4.83 -11.06 -18.71
CA GLY A 214 6.04 -10.65 -19.41
C GLY A 214 7.23 -11.55 -19.15
N VAL A 215 7.10 -12.48 -18.21
CA VAL A 215 8.18 -13.41 -17.90
C VAL A 215 8.52 -14.33 -19.08
N GLU A 216 7.50 -14.64 -19.88
CA GLU A 216 7.61 -15.49 -21.03
C GLU A 216 8.44 -14.75 -22.08
N ASN A 217 9.54 -15.35 -22.50
CA ASN A 217 10.46 -14.67 -23.45
C ASN A 217 11.36 -13.61 -22.78
N LEU A 218 11.32 -13.52 -21.44
CA LEU A 218 12.27 -12.65 -20.74
C LEU A 218 13.65 -13.28 -20.72
N GLN A 219 14.66 -12.52 -21.13
CA GLN A 219 16.03 -13.01 -21.10
C GLN A 219 16.77 -12.47 -19.88
N ALA A 220 17.87 -13.12 -19.51
CA ALA A 220 18.71 -12.66 -18.40
C ALA A 220 19.15 -11.20 -18.56
N GLY A 221 19.08 -10.43 -17.47
CA GLY A 221 19.44 -9.02 -17.50
C GLY A 221 18.33 -8.10 -17.97
N GLN A 222 17.13 -8.63 -18.17
CA GLN A 222 16.02 -7.82 -18.69
C GLN A 222 14.88 -7.65 -17.69
N GLN A 223 14.11 -6.57 -17.88
CA GLN A 223 12.89 -6.30 -17.11
C GLN A 223 11.74 -6.10 -18.07
N GLU A 224 10.53 -6.51 -17.67
CA GLU A 224 9.32 -6.26 -18.45
C GLU A 224 8.15 -6.09 -17.48
N LYS A 225 7.50 -4.92 -17.51
CA LYS A 225 6.43 -4.60 -16.58
C LYS A 225 6.88 -4.83 -15.13
N ARG A 226 6.21 -5.74 -14.41
CA ARG A 226 6.53 -5.97 -12.99
C ARG A 226 7.54 -7.10 -12.75
N VAL A 227 8.12 -7.62 -13.81
CA VAL A 227 9.03 -8.75 -13.68
C VAL A 227 10.46 -8.35 -14.06
N VAL A 228 11.40 -8.84 -13.26
CA VAL A 228 12.81 -8.58 -13.42
C VAL A 228 13.47 -9.97 -13.51
N LYS A 229 14.32 -10.14 -14.50
CA LYS A 229 15.13 -11.34 -14.56
C LYS A 229 16.60 -10.93 -14.49
N LEU A 230 17.28 -11.37 -13.44
CA LEU A 230 18.66 -10.94 -13.24
C LEU A 230 19.62 -11.69 -14.17
N GLN A 231 20.89 -11.29 -14.15
CA GLN A 231 21.88 -11.83 -15.10
C GLN A 231 22.07 -13.34 -15.00
N ASP A 232 22.02 -13.87 -13.78
CA ASP A 232 22.07 -15.33 -13.55
C ASP A 232 20.73 -16.05 -13.74
N GLY A 233 19.69 -15.33 -14.19
CA GLY A 233 18.38 -15.94 -14.44
C GLY A 233 17.35 -15.85 -13.32
N THR A 234 17.77 -15.37 -12.15
CA THR A 234 16.86 -15.21 -11.00
C THR A 234 15.70 -14.31 -11.36
N LEU A 235 14.47 -14.80 -11.14
CA LEU A 235 13.23 -14.03 -11.34
C LEU A 235 12.73 -13.36 -10.06
N LEU A 236 12.49 -12.06 -10.17
CA LEU A 236 12.02 -11.27 -9.05
C LEU A 236 11.07 -10.26 -9.64
N ASN A 237 10.31 -9.58 -8.78
CA ASN A 237 9.37 -8.56 -9.25
C ASN A 237 9.75 -7.15 -8.80
N ARG A 238 9.16 -6.16 -9.45
CA ARG A 238 9.33 -4.74 -9.10
C ARG A 238 7.98 -4.04 -9.20
N TYR A 239 7.87 -2.84 -8.65
CA TYR A 239 6.68 -2.00 -8.86
C TYR A 239 6.70 -1.31 -10.23
N TRP A 240 5.53 -1.16 -10.85
CA TRP A 240 5.46 -0.65 -12.21
C TRP A 240 4.06 -0.11 -12.43
N ASP A 241 3.95 1.00 -13.14
CA ASP A 241 2.68 1.53 -13.58
C ASP A 241 2.71 1.56 -15.11
N ASP A 242 1.59 1.21 -15.75
CA ASP A 242 1.51 1.12 -17.22
C ASP A 242 1.55 2.48 -17.91
N ARG A 243 1.40 3.55 -17.12
CA ARG A 243 1.36 4.90 -17.65
C ARG A 243 2.61 5.68 -17.23
N ASP A 244 2.98 6.67 -18.04
CA ASP A 244 4.18 7.49 -17.82
C ASP A 244 3.84 8.97 -17.94
N THR A 245 2.65 9.32 -17.46
CA THR A 245 2.12 10.68 -17.53
C THR A 245 1.89 11.15 -16.11
N PRO A 246 1.60 12.45 -15.89
CA PRO A 246 1.33 12.89 -14.50
C PRO A 246 0.14 12.16 -13.87
N ARG A 247 0.18 11.93 -12.57
CA ARG A 247 -0.97 11.32 -11.89
C ARG A 247 -2.13 12.35 -11.88
N PRO A 248 -3.32 11.99 -12.39
CA PRO A 248 -4.46 12.93 -12.35
C PRO A 248 -4.71 13.50 -10.96
N GLU A 249 -4.56 12.65 -9.94
CA GLU A 249 -4.86 13.00 -8.55
C GLU A 249 -3.75 13.88 -7.89
N SER A 250 -2.63 14.03 -8.59
CA SER A 250 -1.54 14.90 -8.12
C SER A 250 -0.92 15.60 -9.31
N TRP A 251 -1.78 16.12 -10.19
CA TRP A 251 -1.38 16.60 -11.51
C TRP A 251 -0.27 17.67 -11.43
N VAL A 252 -0.55 18.77 -10.77
CA VAL A 252 0.45 19.86 -10.71
C VAL A 252 1.73 19.52 -9.94
N GLU A 253 1.63 18.65 -8.93
CA GLU A 253 2.81 18.21 -8.18
C GLU A 253 3.80 17.44 -9.07
N ASP A 254 3.30 16.49 -9.84
CA ASP A 254 4.10 15.65 -10.70
C ASP A 254 4.72 16.48 -11.84
N ILE A 255 3.96 17.39 -12.44
CA ILE A 255 4.51 18.30 -13.45
C ILE A 255 5.65 19.14 -12.88
N ALA A 256 5.45 19.71 -11.68
CA ALA A 256 6.49 20.50 -11.02
C ALA A 256 7.74 19.66 -10.73
N THR A 257 7.54 18.42 -10.26
CA THR A 257 8.65 17.50 -9.99
C THR A 257 9.48 17.22 -11.27
N ALA A 258 8.81 16.95 -12.38
CA ALA A 258 9.53 16.69 -13.64
C ALA A 258 10.21 17.94 -14.18
N LYS A 259 9.51 19.07 -14.10
CA LYS A 259 10.08 20.34 -14.53
C LYS A 259 11.38 20.71 -13.76
N SER A 260 11.45 20.33 -12.49
CA SER A 260 12.58 20.68 -11.63
C SER A 260 13.86 19.89 -11.95
N ASN A 261 13.75 18.83 -12.75
CA ASN A 261 14.90 18.01 -13.17
C ASN A 261 14.94 17.82 -14.68
N PRO A 262 15.53 18.80 -15.39
CA PRO A 262 15.65 18.81 -16.85
C PRO A 262 16.61 17.76 -17.41
N ASN A 263 17.46 17.19 -16.58
CA ASN A 263 18.40 16.15 -17.00
C ASN A 263 17.81 14.74 -17.07
N ARG A 264 16.54 14.61 -16.74
CA ARG A 264 15.84 13.35 -16.93
C ARG A 264 14.67 13.56 -17.87
N PRO A 265 14.39 12.56 -18.73
CA PRO A 265 13.16 12.60 -19.51
C PRO A 265 11.98 12.62 -18.54
N ALA A 266 11.00 13.48 -18.79
CA ALA A 266 9.85 13.65 -17.92
C ALA A 266 9.04 12.36 -17.79
N THR A 267 8.93 11.60 -18.87
CA THR A 267 8.20 10.31 -18.85
C THR A 267 8.80 9.29 -17.87
N GLU A 268 10.12 9.36 -17.70
CA GLU A 268 10.84 8.50 -16.77
C GLU A 268 10.52 8.89 -15.34
N ILE A 269 10.46 10.19 -15.09
CA ILE A 269 10.09 10.70 -13.78
C ILE A 269 8.63 10.36 -13.45
N TYR A 270 7.74 10.48 -14.43
CA TYR A 270 6.33 10.17 -14.24
C TYR A 270 6.15 8.70 -13.95
N ARG A 271 6.90 7.86 -14.66
CA ARG A 271 6.84 6.44 -14.45
C ARG A 271 7.26 6.04 -13.02
N ASP A 272 8.34 6.62 -12.53
CA ASP A 272 8.84 6.32 -11.21
C ASP A 272 7.98 6.90 -10.09
N LEU A 273 7.37 8.06 -10.33
CA LEU A 273 6.42 8.64 -9.37
C LEU A 273 5.20 7.72 -9.20
N ARG A 274 4.61 7.30 -10.32
CA ARG A 274 3.51 6.31 -10.34
C ARG A 274 3.93 4.98 -9.73
N SER A 275 5.16 4.55 -9.99
CA SER A 275 5.61 3.24 -9.46
C SER A 275 5.87 3.26 -7.96
N ALA A 276 6.38 4.37 -7.44
CA ALA A 276 6.46 4.57 -5.99
C ALA A 276 5.05 4.57 -5.38
N ALA A 277 4.08 5.13 -6.09
CA ALA A 277 2.68 5.04 -5.66
C ALA A 277 2.15 3.57 -5.65
N ALA A 278 2.48 2.79 -6.69
CA ALA A 278 2.22 1.33 -6.69
C ALA A 278 2.92 0.58 -5.53
N SER A 279 4.06 1.12 -5.08
CA SER A 279 4.80 0.53 -3.95
C SER A 279 4.17 0.76 -2.54
N GLY A 280 3.21 1.68 -2.44
CA GLY A 280 2.64 2.07 -1.16
C GLY A 280 3.48 3.12 -0.45
N TRP A 281 4.77 3.18 -0.79
CA TRP A 281 5.70 4.10 -0.14
C TRP A 281 5.86 5.34 -1.02
N ASP A 282 4.75 6.05 -1.24
CA ASP A 282 4.76 7.38 -1.87
C ASP A 282 4.74 8.52 -0.83
N PHE A 283 5.86 9.18 -0.55
CA PHE A 283 7.17 8.91 -1.14
C PHE A 283 8.23 8.65 -0.09
N SER A 284 9.42 8.24 -0.53
CA SER A 284 10.48 7.80 0.38
C SER A 284 11.90 7.97 -0.17
N SER A 285 12.82 8.39 0.69
CA SER A 285 14.29 8.35 0.41
C SER A 285 14.75 6.96 -0.08
N ARG A 286 14.01 5.92 0.32
CA ARG A 286 14.21 4.55 -0.17
C ARG A 286 14.38 4.41 -1.72
N TRP A 287 13.71 5.28 -2.46
CA TRP A 287 13.72 5.23 -3.93
C TRP A 287 14.65 6.26 -4.56
N MSE A 288 15.19 7.18 -3.77
CA MSE A 288 15.89 8.37 -4.29
C MSE A 288 17.42 8.29 -4.17
O MSE A 288 17.95 7.87 -3.15
CB MSE A 288 15.41 9.66 -3.60
CG MSE A 288 13.90 9.90 -3.55
SE MSE A 288 13.44 11.19 -2.12
CE MSE A 288 11.52 11.07 -2.17
N ASP A 289 18.10 8.72 -5.23
CA ASP A 289 19.55 8.98 -5.19
C ASP A 289 19.90 10.09 -4.20
N ASN A 290 19.14 11.18 -4.25
CA ASN A 290 19.31 12.31 -3.36
C ASN A 290 18.08 12.37 -2.48
N PRO A 291 18.22 12.07 -1.17
CA PRO A 291 17.05 12.03 -0.27
C PRO A 291 16.36 13.37 -0.08
N GLN A 292 16.95 14.46 -0.56
CA GLN A 292 16.31 15.77 -0.45
C GLN A 292 15.66 16.23 -1.77
N GLN A 293 15.73 15.39 -2.81
CA GLN A 293 15.16 15.73 -4.10
C GLN A 293 14.31 14.58 -4.67
N LEU A 294 12.99 14.73 -4.56
CA LEU A 294 12.04 13.75 -5.10
C LEU A 294 12.29 13.48 -6.59
N ASN A 295 12.79 14.51 -7.29
CA ASN A 295 13.05 14.41 -8.73
C ASN A 295 14.17 13.44 -9.12
N THR A 296 14.88 12.93 -8.11
CA THR A 296 15.84 11.83 -8.29
C THR A 296 15.31 10.41 -8.04
N LEU A 297 14.02 10.26 -7.75
CA LEU A 297 13.52 8.91 -7.41
C LEU A 297 13.57 8.00 -8.64
N ARG A 298 13.88 6.73 -8.41
CA ARG A 298 13.98 5.78 -9.52
C ARG A 298 13.48 4.39 -9.12
N THR A 299 12.21 4.35 -8.72
CA THR A 299 11.54 3.13 -8.26
C THR A 299 11.63 1.93 -9.22
N THR A 300 11.53 2.18 -10.52
CA THR A 300 11.54 1.10 -11.52
C THR A 300 12.90 0.42 -11.78
N SER A 301 13.97 0.95 -11.18
CA SER A 301 15.27 0.30 -11.26
C SER A 301 15.70 -0.32 -9.92
N ILE A 302 14.74 -0.49 -9.01
CA ILE A 302 15.01 -1.02 -7.67
C ILE A 302 14.13 -2.26 -7.42
N VAL A 303 14.76 -3.35 -7.03
CA VAL A 303 14.03 -4.56 -6.76
C VAL A 303 13.70 -4.54 -5.26
N PRO A 304 12.41 -4.34 -4.92
CA PRO A 304 12.02 -4.17 -3.51
C PRO A 304 11.98 -5.47 -2.71
N VAL A 305 12.51 -5.42 -1.50
CA VAL A 305 12.55 -6.59 -0.62
C VAL A 305 11.16 -6.95 -0.03
N ASP A 306 10.31 -5.96 0.24
CA ASP A 306 8.94 -6.22 0.70
C ASP A 306 8.08 -6.88 -0.37
N LEU A 307 8.02 -6.28 -1.55
CA LEU A 307 7.30 -6.89 -2.68
C LEU A 307 7.65 -8.37 -2.88
N ASN A 308 8.93 -8.66 -2.95
CA ASN A 308 9.39 -10.02 -3.21
C ASN A 308 9.17 -10.99 -2.06
N SER A 309 9.11 -10.47 -0.84
CA SER A 309 8.68 -11.24 0.32
C SER A 309 7.21 -11.59 0.18
N LEU A 310 6.41 -10.62 -0.27
CA LEU A 310 4.98 -10.84 -0.51
C LEU A 310 4.72 -11.84 -1.63
N MSE A 311 5.53 -11.75 -2.70
CA MSE A 311 5.42 -12.69 -3.83
C MSE A 311 5.71 -14.12 -3.35
O MSE A 311 4.99 -15.05 -3.68
CB MSE A 311 6.37 -12.31 -4.99
CG MSE A 311 6.09 -10.98 -5.68
SE MSE A 311 4.24 -10.84 -6.37
CE MSE A 311 4.29 -12.49 -7.47
N PHE A 312 6.77 -14.28 -2.55
CA PHE A 312 7.05 -15.57 -1.88
C PHE A 312 5.84 -16.12 -1.11
N LYS A 313 5.25 -15.28 -0.28
CA LYS A 313 4.07 -15.66 0.50
C LYS A 313 2.92 -16.06 -0.42
N MSE A 314 2.70 -15.30 -1.47
CA MSE A 314 1.65 -15.60 -2.47
C MSE A 314 1.84 -16.99 -3.11
O MSE A 314 0.88 -17.74 -3.24
CB MSE A 314 1.62 -14.51 -3.54
CG MSE A 314 0.45 -14.65 -4.52
SE MSE A 314 0.52 -13.33 -5.99
CE MSE A 314 1.10 -11.74 -5.02
N GLU A 315 3.07 -17.30 -3.50
CA GLU A 315 3.42 -18.61 -4.04
C GLU A 315 3.22 -19.76 -3.02
N LYS A 316 3.58 -19.52 -1.76
CA LYS A 316 3.33 -20.47 -0.66
C LYS A 316 1.82 -20.68 -0.41
N ILE A 317 1.04 -19.59 -0.46
CA ILE A 317 -0.39 -19.69 -0.29
C ILE A 317 -1.06 -20.41 -1.49
N LEU A 318 -0.62 -20.07 -2.70
CA LEU A 318 -1.08 -20.74 -3.92
C LEU A 318 -0.80 -22.25 -3.93
N ALA A 319 0.38 -22.66 -3.45
CA ALA A 319 0.70 -24.08 -3.27
C ALA A 319 -0.25 -24.78 -2.29
N ARG A 320 -0.51 -24.12 -1.16
CA ARG A 320 -1.44 -24.60 -0.12
CA ARG A 320 -1.43 -24.64 -0.13
C ARG A 320 -2.86 -24.71 -0.66
N ALA A 321 -3.32 -23.67 -1.37
CA ALA A 321 -4.67 -23.68 -1.90
C ALA A 321 -4.85 -24.81 -2.94
N SER A 322 -3.90 -24.92 -3.87
CA SER A 322 -3.86 -25.96 -4.91
C SER A 322 -3.93 -27.35 -4.30
N LYS A 323 -3.10 -27.59 -3.30
CA LYS A 323 -3.06 -28.86 -2.60
C LYS A 323 -4.36 -29.18 -1.89
N ALA A 324 -4.95 -28.19 -1.21
CA ALA A 324 -6.28 -28.32 -0.65
C ALA A 324 -7.33 -28.66 -1.72
N ALA A 325 -7.21 -28.00 -2.88
CA ALA A 325 -8.17 -28.14 -3.98
C ALA A 325 -8.07 -29.50 -4.68
N GLY A 326 -6.92 -30.17 -4.49
CA GLY A 326 -6.68 -31.49 -5.02
C GLY A 326 -5.76 -31.49 -6.22
N ASP A 327 -5.16 -30.34 -6.53
CA ASP A 327 -4.29 -30.20 -7.71
C ASP A 327 -2.84 -30.26 -7.27
N ASN A 328 -2.27 -31.47 -7.27
CA ASN A 328 -0.94 -31.73 -6.73
C ASN A 328 0.20 -31.29 -7.65
N ALA A 329 0.00 -31.41 -8.97
CA ALA A 329 0.99 -30.93 -9.93
C ALA A 329 1.15 -29.43 -9.78
N MSE A 330 0.05 -28.73 -9.59
CA MSE A 330 0.07 -27.29 -9.37
C MSE A 330 0.68 -26.90 -8.03
O MSE A 330 1.47 -25.96 -7.96
CB MSE A 330 -1.33 -26.73 -9.49
CG MSE A 330 -1.31 -25.33 -9.95
SE MSE A 330 -3.06 -24.91 -10.68
CE MSE A 330 -4.03 -24.59 -9.02
N ALA A 331 0.31 -27.61 -6.97
CA ALA A 331 0.91 -27.35 -5.67
C ALA A 331 2.43 -27.49 -5.69
N ASN A 332 2.94 -28.54 -6.36
CA ASN A 332 4.38 -28.75 -6.51
C ASN A 332 5.06 -27.65 -7.32
N GLN A 333 4.39 -27.18 -8.38
CA GLN A 333 4.90 -26.06 -9.17
CA GLN A 333 4.89 -26.07 -9.19
C GLN A 333 5.04 -24.79 -8.35
N TYR A 334 3.99 -24.43 -7.62
CA TYR A 334 4.04 -23.24 -6.77
C TYR A 334 5.11 -23.31 -5.68
N GLU A 335 5.27 -24.49 -5.07
CA GLU A 335 6.29 -24.72 -4.05
C GLU A 335 7.73 -24.58 -4.62
N THR A 336 7.94 -25.09 -5.82
CA THR A 336 9.19 -24.93 -6.55
C THR A 336 9.50 -23.45 -6.89
N LEU A 337 8.47 -22.71 -7.32
CA LEU A 337 8.59 -21.27 -7.59
C LEU A 337 8.95 -20.51 -6.31
N ALA A 338 8.28 -20.86 -5.21
CA ALA A 338 8.51 -20.26 -3.89
C ALA A 338 9.93 -20.55 -3.39
N ASN A 339 10.39 -21.80 -3.56
CA ASN A 339 11.76 -22.16 -3.18
C ASN A 339 12.83 -21.35 -3.94
N ALA A 340 12.58 -21.13 -5.23
CA ALA A 340 13.46 -20.30 -6.07
C ALA A 340 13.44 -18.84 -5.64
N ARG A 341 12.26 -18.32 -5.31
CA ARG A 341 12.18 -16.93 -4.87
C ARG A 341 12.94 -16.71 -3.55
N GLN A 342 12.82 -17.66 -2.63
CA GLN A 342 13.54 -17.57 -1.39
C GLN A 342 15.07 -17.52 -1.57
N LYS A 343 15.59 -18.31 -2.50
CA LYS A 343 17.02 -18.28 -2.85
C LYS A 343 17.42 -16.91 -3.43
N GLY A 344 16.54 -16.31 -4.23
CA GLY A 344 16.75 -14.96 -4.77
C GLY A 344 16.79 -13.86 -3.71
N ILE A 345 15.81 -13.87 -2.82
CA ILE A 345 15.78 -12.94 -1.69
C ILE A 345 17.06 -13.07 -0.86
N GLU A 346 17.46 -14.30 -0.51
CA GLU A 346 18.63 -14.52 0.33
C GLU A 346 19.94 -14.05 -0.34
N LYS A 347 20.00 -14.14 -1.66
CA LYS A 347 21.15 -13.75 -2.47
C LYS A 347 21.19 -12.26 -2.87
N TYR A 348 20.09 -11.73 -3.36
CA TYR A 348 20.07 -10.35 -3.89
C TYR A 348 19.47 -9.32 -2.95
N LEU A 349 18.79 -9.76 -1.92
CA LEU A 349 18.07 -8.81 -1.09
C LEU A 349 18.58 -8.79 0.35
N TRP A 350 19.75 -9.38 0.57
CA TRP A 350 20.46 -9.30 1.85
C TRP A 350 21.78 -8.52 1.69
N ASN A 351 21.96 -7.49 2.50
CA ASN A 351 23.18 -6.72 2.47
C ASN A 351 24.15 -7.27 3.52
N ASP A 352 25.14 -8.04 3.05
CA ASP A 352 26.05 -8.77 3.94
C ASP A 352 27.04 -7.84 4.66
N GLN A 353 27.52 -6.80 3.97
CA GLN A 353 28.36 -5.77 4.60
C GLN A 353 27.68 -5.11 5.80
N GLN A 354 26.39 -4.78 5.70
CA GLN A 354 25.67 -4.07 6.75
C GLN A 354 24.96 -4.99 7.75
N GLY A 355 24.59 -6.18 7.30
CA GLY A 355 23.87 -7.11 8.17
C GLY A 355 22.37 -6.83 8.24
N TRP A 356 21.75 -6.51 7.10
CA TRP A 356 20.30 -6.39 7.03
C TRP A 356 19.77 -6.62 5.63
N TYR A 357 18.49 -7.00 5.53
CA TYR A 357 17.83 -7.05 4.24
C TYR A 357 17.67 -5.65 3.65
N ALA A 358 17.67 -5.56 2.34
CA ALA A 358 17.64 -4.29 1.65
C ALA A 358 17.21 -4.52 0.21
N ASP A 359 16.87 -3.45 -0.50
CA ASP A 359 16.49 -3.56 -1.90
C ASP A 359 17.72 -3.78 -2.78
N TYR A 360 17.49 -4.24 -4.01
CA TYR A 360 18.55 -4.48 -4.99
C TYR A 360 18.50 -3.42 -6.07
N ASP A 361 19.67 -2.89 -6.42
CA ASP A 361 19.78 -1.78 -7.37
C ASP A 361 20.13 -2.31 -8.77
N LEU A 362 19.20 -2.18 -9.71
CA LEU A 362 19.45 -2.65 -11.08
C LEU A 362 20.42 -1.78 -11.84
N LYS A 363 20.72 -0.58 -11.33
CA LYS A 363 21.67 0.34 -11.98
C LYS A 363 23.12 -0.06 -11.67
N SER A 364 23.43 -0.25 -10.39
CA SER A 364 24.79 -0.60 -9.97
C SER A 364 25.04 -2.10 -9.92
N HIS A 365 23.97 -2.89 -10.03
CA HIS A 365 24.05 -4.35 -9.89
C HIS A 365 24.56 -4.72 -8.51
N LYS A 366 24.02 -4.05 -7.49
CA LYS A 366 24.28 -4.47 -6.12
C LYS A 366 23.16 -4.18 -5.14
N VAL A 367 23.29 -4.76 -3.95
CA VAL A 367 22.35 -4.56 -2.87
C VAL A 367 22.54 -3.15 -2.34
N ARG A 368 21.43 -2.45 -2.16
CA ARG A 368 21.46 -1.06 -1.70
C ARG A 368 21.83 -1.04 -0.21
N ASN A 369 22.33 0.09 0.26
CA ASN A 369 22.87 0.26 1.61
CA ASN A 369 22.83 0.12 1.63
C ASN A 369 21.84 0.53 2.72
N GLN A 370 20.80 1.27 2.36
CA GLN A 370 19.84 1.81 3.33
C GLN A 370 18.99 0.76 4.07
N LEU A 371 18.95 0.89 5.40
CA LEU A 371 18.03 0.16 6.26
C LEU A 371 16.67 0.89 6.29
N THR A 372 15.62 0.16 5.88
CA THR A 372 14.24 0.64 6.02
C THR A 372 13.43 -0.45 6.73
N ALA A 373 12.24 -0.09 7.20
CA ALA A 373 11.30 -1.06 7.79
C ALA A 373 10.90 -2.21 6.85
N ALA A 374 10.99 -1.99 5.52
CA ALA A 374 10.79 -3.06 4.53
C ALA A 374 11.68 -4.30 4.75
N ALA A 375 12.80 -4.10 5.43
CA ALA A 375 13.77 -5.19 5.72
C ALA A 375 13.22 -6.24 6.69
N LEU A 376 12.12 -5.93 7.38
CA LEU A 376 11.43 -6.92 8.22
C LEU A 376 10.52 -7.92 7.46
N PHE A 377 10.18 -7.60 6.21
CA PHE A 377 9.24 -8.40 5.43
C PHE A 377 9.65 -9.87 5.24
N PRO A 378 10.95 -10.15 4.96
CA PRO A 378 11.40 -11.54 4.91
C PRO A 378 11.12 -12.34 6.17
N LEU A 379 11.11 -11.66 7.32
CA LEU A 379 10.74 -12.33 8.57
C LEU A 379 9.23 -12.56 8.65
N TYR A 380 8.47 -11.55 8.20
CA TYR A 380 7.02 -11.57 8.22
C TYR A 380 6.47 -12.75 7.42
N VAL A 381 7.13 -13.07 6.32
CA VAL A 381 6.66 -14.16 5.42
C VAL A 381 7.41 -15.48 5.67
N ASN A 382 8.31 -15.51 6.67
CA ASN A 382 9.12 -16.71 6.96
C ASN A 382 10.04 -17.16 5.81
N ALA A 383 10.54 -16.21 5.04
CA ALA A 383 11.59 -16.47 4.03
C ALA A 383 13.01 -16.47 4.63
N ALA A 384 13.19 -15.69 5.70
CA ALA A 384 14.51 -15.41 6.29
C ALA A 384 15.14 -16.60 6.96
N ALA A 385 16.46 -16.71 6.83
CA ALA A 385 17.25 -17.63 7.64
C ALA A 385 17.20 -17.18 9.10
N LYS A 386 17.20 -18.15 10.01
CA LYS A 386 17.16 -17.86 11.45
C LYS A 386 18.23 -16.87 11.93
N ASP A 387 19.45 -17.00 11.41
CA ASP A 387 20.56 -16.13 11.83
CA ASP A 387 20.56 -16.12 11.83
C ASP A 387 20.38 -14.71 11.30
N ARG A 388 19.66 -14.58 10.19
CA ARG A 388 19.43 -13.29 9.57
C ARG A 388 18.29 -12.59 10.27
N ALA A 389 17.31 -13.38 10.70
CA ALA A 389 16.25 -12.90 11.56
C ALA A 389 16.77 -12.37 12.90
N ASN A 390 17.76 -13.04 13.51
CA ASN A 390 18.38 -12.51 14.75
C ASN A 390 19.14 -11.21 14.52
N LYS A 391 19.87 -11.16 13.39
CA LYS A 391 20.51 -9.94 12.93
C LYS A 391 19.50 -8.80 12.73
N MSE A 392 18.35 -9.11 12.14
CA MSE A 392 17.28 -8.11 11.97
C MSE A 392 16.68 -7.56 13.29
O MSE A 392 16.36 -6.37 13.38
CB MSE A 392 16.16 -8.65 11.07
CG MSE A 392 16.52 -8.71 9.60
SE MSE A 392 17.29 -7.03 8.96
CE MSE A 392 15.87 -5.79 9.53
N ALA A 393 16.49 -8.43 14.27
CA ALA A 393 16.09 -8.00 15.62
C ALA A 393 17.10 -6.98 16.19
N THR A 394 18.39 -7.27 16.01
CA THR A 394 19.44 -6.34 16.41
C THR A 394 19.40 -5.00 15.67
N ALA A 395 19.29 -5.05 14.33
CA ALA A 395 19.18 -3.85 13.49
C ALA A 395 17.98 -2.98 13.88
N THR A 396 16.87 -3.65 14.20
CA THR A 396 15.63 -2.99 14.64
C THR A 396 15.82 -2.23 15.96
N LYS A 397 16.35 -2.92 16.98
CA LYS A 397 16.63 -2.28 18.28
C LYS A 397 17.59 -1.13 18.14
N THR A 398 18.68 -1.35 17.42
CA THR A 398 19.76 -0.38 17.25
C THR A 398 19.34 0.84 16.42
N HIS A 399 18.57 0.63 15.35
CA HIS A 399 18.35 1.73 14.39
C HIS A 399 16.92 2.24 14.22
N LEU A 400 15.92 1.38 14.37
CA LEU A 400 14.56 1.72 13.94
C LEU A 400 13.57 1.92 15.08
N LEU A 401 13.74 1.17 16.17
CA LEU A 401 12.86 1.27 17.34
C LEU A 401 13.07 2.60 18.10
N GLN A 402 11.98 3.33 18.29
CA GLN A 402 11.98 4.68 18.83
C GLN A 402 10.95 4.73 19.96
N PRO A 403 10.94 5.83 20.76
CA PRO A 403 9.99 5.92 21.85
C PRO A 403 8.51 5.75 21.44
N GLY A 404 8.12 6.24 20.28
CA GLY A 404 6.73 6.16 19.84
C GLY A 404 6.42 5.09 18.80
N GLY A 405 7.35 4.16 18.57
CA GLY A 405 7.11 3.07 17.63
C GLY A 405 8.29 2.85 16.69
N LEU A 406 8.05 2.03 15.67
CA LEU A 406 9.05 1.66 14.68
C LEU A 406 9.21 2.76 13.62
N ASN A 407 10.42 3.32 13.50
CA ASN A 407 10.69 4.28 12.47
C ASN A 407 10.64 3.63 11.09
N THR A 408 10.15 4.36 10.11
CA THR A 408 10.10 3.88 8.72
C THR A 408 11.49 3.78 8.08
N THR A 409 12.29 4.83 8.25
CA THR A 409 13.70 4.85 7.86
C THR A 409 14.46 5.60 8.96
N SER A 410 15.77 5.77 8.76
CA SER A 410 16.59 6.64 9.62
C SER A 410 16.81 8.02 9.00
N VAL A 411 16.11 8.34 7.90
CA VAL A 411 16.36 9.56 7.13
C VAL A 411 15.16 10.49 7.14
N LYS A 412 15.36 11.75 7.57
CA LYS A 412 14.29 12.75 7.53
C LYS A 412 14.37 13.51 6.23
N SER A 413 13.59 13.08 5.25
CA SER A 413 13.68 13.60 3.91
C SER A 413 12.67 14.75 3.67
N GLY A 414 11.69 14.92 4.57
CA GLY A 414 10.51 15.72 4.24
C GLY A 414 9.39 14.90 3.57
N GLN A 415 9.67 13.64 3.22
CA GLN A 415 8.62 12.76 2.70
C GLN A 415 7.96 11.95 3.84
N GLN A 416 6.79 11.41 3.57
CA GLN A 416 6.04 10.75 4.65
C GLN A 416 6.48 9.33 4.98
N TRP A 417 7.03 8.61 3.99
CA TRP A 417 7.55 7.25 4.24
C TRP A 417 9.04 7.30 4.58
N ASP A 418 9.32 7.98 5.69
CA ASP A 418 10.66 8.25 6.18
C ASP A 418 10.54 8.66 7.63
N ALA A 419 11.67 8.69 8.34
CA ALA A 419 11.78 9.33 9.63
C ALA A 419 11.18 10.72 9.60
N PRO A 420 10.55 11.14 10.71
CA PRO A 420 10.30 10.42 11.94
C PRO A 420 8.91 9.75 12.00
N ASN A 421 8.36 9.36 10.85
CA ASN A 421 7.01 8.76 10.80
C ASN A 421 6.95 7.25 11.08
N GLY A 422 5.96 6.87 11.86
CA GLY A 422 5.63 5.48 12.16
C GLY A 422 4.26 5.19 11.58
N TRP A 423 4.20 4.14 10.78
CA TRP A 423 2.99 3.74 10.07
C TRP A 423 2.52 2.42 10.63
N ALA A 424 1.26 2.36 11.04
CA ALA A 424 0.61 1.12 11.59
C ALA A 424 0.90 -0.20 10.86
N PRO A 425 0.76 -0.23 9.50
CA PRO A 425 1.06 -1.47 8.78
C PRO A 425 2.48 -2.00 8.98
N LEU A 426 3.46 -1.10 9.05
CA LEU A 426 4.86 -1.48 9.32
C LEU A 426 5.09 -1.95 10.76
N GLN A 427 4.32 -1.42 11.72
CA GLN A 427 4.41 -1.90 13.12
C GLN A 427 3.94 -3.34 13.19
N TRP A 428 2.88 -3.67 12.43
CA TRP A 428 2.30 -4.99 12.44
C TRP A 428 3.18 -6.00 11.72
N VAL A 429 3.67 -5.64 10.55
CA VAL A 429 4.58 -6.50 9.80
C VAL A 429 5.82 -6.81 10.65
N ALA A 430 6.40 -5.80 11.29
CA ALA A 430 7.61 -5.97 12.13
C ALA A 430 7.37 -6.84 13.35
N THR A 431 6.29 -6.60 14.09
CA THR A 431 6.02 -7.42 15.29
C THR A 431 5.69 -8.87 14.92
N GLU A 432 4.84 -9.07 13.92
CA GLU A 432 4.55 -10.44 13.45
C GLU A 432 5.77 -11.15 12.93
N GLY A 433 6.58 -10.45 12.13
CA GLY A 433 7.85 -10.95 11.64
C GLY A 433 8.82 -11.37 12.74
N LEU A 434 9.00 -10.50 13.73
CA LEU A 434 9.88 -10.81 14.86
C LEU A 434 9.41 -11.99 15.72
N GLN A 435 8.10 -12.06 15.97
CA GLN A 435 7.45 -13.18 16.66
C GLN A 435 7.63 -14.51 15.93
N ASN A 436 7.60 -14.47 14.59
CA ASN A 436 7.77 -15.69 13.79
C ASN A 436 9.12 -16.36 14.10
N TYR A 437 10.04 -15.59 14.67
CA TYR A 437 11.38 -16.10 14.96
C TYR A 437 11.70 -16.01 16.44
N GLY A 438 10.66 -15.85 17.26
CA GLY A 438 10.80 -15.92 18.72
C GLY A 438 11.44 -14.68 19.34
N GLN A 439 11.53 -13.61 18.57
CA GLN A 439 12.11 -12.36 19.05
C GLN A 439 11.04 -11.54 19.76
N LYS A 440 10.55 -12.09 20.86
CA LYS A 440 9.35 -11.61 21.54
C LYS A 440 9.55 -10.26 22.24
N GLU A 441 10.74 -10.03 22.79
CA GLU A 441 11.03 -8.78 23.48
C GLU A 441 10.94 -7.56 22.57
N VAL A 442 11.66 -7.58 21.44
CA VAL A 442 11.61 -6.48 20.48
C VAL A 442 10.19 -6.30 19.94
N ALA A 443 9.52 -7.42 19.63
CA ALA A 443 8.15 -7.38 19.10
C ALA A 443 7.19 -6.66 20.05
N MSE A 444 7.29 -6.98 21.35
CA MSE A 444 6.48 -6.33 22.39
C MSE A 444 6.82 -4.86 22.61
O MSE A 444 5.92 -4.05 22.83
CB MSE A 444 6.56 -7.08 23.70
CG MSE A 444 5.79 -8.37 23.64
SE MSE A 444 5.96 -9.43 25.27
CE MSE A 444 7.89 -9.60 25.48
N ASP A 445 8.11 -4.52 22.55
CA ASP A 445 8.51 -3.11 22.65
C ASP A 445 7.91 -2.29 21.51
N ILE A 446 7.92 -2.82 20.28
CA ILE A 446 7.32 -2.08 19.14
C ILE A 446 5.82 -1.82 19.36
N SER A 447 5.11 -2.88 19.73
CA SER A 447 3.68 -2.81 19.97
C SER A 447 3.35 -1.83 21.08
N TRP A 448 4.03 -1.99 22.22
CA TRP A 448 3.81 -1.12 23.37
C TRP A 448 4.11 0.36 23.08
N HIS A 449 5.23 0.62 22.41
CA HIS A 449 5.59 1.98 22.01
C HIS A 449 4.58 2.59 21.04
N PHE A 450 4.22 1.85 20.00
CA PHE A 450 3.24 2.37 19.02
C PHE A 450 1.87 2.57 19.64
N LEU A 451 1.39 1.59 20.41
CA LEU A 451 0.08 1.73 21.10
C LEU A 451 -0.02 2.89 22.07
N THR A 452 1.04 3.10 22.85
CA THR A 452 1.14 4.24 23.76
C THR A 452 1.03 5.55 22.98
N ASN A 453 1.67 5.59 21.82
CA ASN A 453 1.61 6.72 20.91
C ASN A 453 0.17 6.94 20.40
N VAL A 454 -0.45 5.88 19.90
CA VAL A 454 -1.85 5.92 19.50
C VAL A 454 -2.78 6.35 20.66
N GLN A 455 -2.64 5.71 21.82
CA GLN A 455 -3.44 6.10 22.99
C GLN A 455 -3.22 7.58 23.39
N HIS A 456 -1.96 8.00 23.47
CA HIS A 456 -1.63 9.36 23.86
C HIS A 456 -2.22 10.41 22.91
N THR A 457 -2.15 10.14 21.61
CA THR A 457 -2.69 11.04 20.59
C THR A 457 -4.21 11.06 20.71
N TYR A 458 -4.79 9.90 20.99
CA TYR A 458 -6.22 9.81 21.19
C TYR A 458 -6.65 10.60 22.45
N ASP A 459 -5.93 10.45 23.56
CA ASP A 459 -6.19 11.25 24.79
C ASP A 459 -6.16 12.76 24.49
N ARG A 460 -5.22 13.18 23.65
CA ARG A 460 -5.07 14.58 23.23
C ARG A 460 -6.13 15.08 22.24
N GLU A 461 -6.26 14.37 21.12
CA GLU A 461 -7.01 14.84 19.94
C GLU A 461 -8.37 14.19 19.78
N LYS A 462 -8.61 13.13 20.53
CA LYS A 462 -9.84 12.33 20.38
C LYS A 462 -10.00 11.75 18.98
N LYS A 463 -8.88 11.35 18.40
CA LYS A 463 -8.91 10.71 17.11
C LYS A 463 -7.72 9.80 16.85
N LEU A 464 -7.86 8.99 15.81
CA LEU A 464 -6.77 8.19 15.29
C LEU A 464 -6.40 8.77 13.93
N VAL A 465 -5.10 8.73 13.63
CA VAL A 465 -4.57 9.39 12.44
C VAL A 465 -3.83 8.41 11.54
N GLU A 466 -3.41 8.91 10.38
CA GLU A 466 -2.79 8.10 9.30
C GLU A 466 -1.39 7.56 9.64
N LYS A 467 -0.59 8.42 10.23
CA LYS A 467 0.74 8.03 10.72
C LYS A 467 1.09 8.88 11.93
N TYR A 468 2.12 8.45 12.66
CA TYR A 468 2.55 9.05 13.93
C TYR A 468 4.01 9.45 13.89
N ASP A 469 4.35 10.53 14.58
CA ASP A 469 5.75 10.85 14.87
C ASP A 469 6.23 9.92 15.97
N VAL A 470 7.22 9.08 15.68
CA VAL A 470 7.71 8.10 16.65
C VAL A 470 8.85 8.58 17.56
N SER A 471 9.38 9.77 17.32
CA SER A 471 10.46 10.25 18.18
C SER A 471 9.97 10.55 19.61
N THR A 472 8.68 10.84 19.73
CA THR A 472 7.97 10.92 21.00
C THR A 472 6.62 10.17 20.89
N THR A 473 5.71 10.43 21.84
CA THR A 473 4.33 9.97 21.70
C THR A 473 3.34 11.14 21.75
N GLY A 474 2.17 10.96 21.16
CA GLY A 474 1.12 11.95 21.29
C GLY A 474 0.96 12.89 20.12
N THR A 475 1.85 12.78 19.12
CA THR A 475 1.68 13.60 17.91
C THR A 475 1.64 12.77 16.61
N GLY A 476 0.82 13.23 15.68
CA GLY A 476 0.72 12.62 14.39
C GLY A 476 1.90 13.03 13.54
N GLY A 477 2.13 12.26 12.48
CA GLY A 477 3.24 12.52 11.57
C GLY A 477 2.85 13.53 10.52
N GLY A 478 3.76 13.77 9.57
CA GLY A 478 3.59 14.74 8.48
C GLY A 478 4.47 14.40 7.29
N GLY A 479 4.71 15.39 6.44
CA GLY A 479 5.56 15.23 5.28
C GLY A 479 4.78 14.89 4.03
N GLY A 480 5.42 15.06 2.87
CA GLY A 480 4.78 14.73 1.60
C GLY A 480 3.82 15.79 1.07
N GLU A 481 2.98 15.38 0.12
CA GLU A 481 2.21 16.31 -0.70
C GLU A 481 0.80 16.63 -0.21
N TYR A 482 0.37 15.99 0.88
CA TYR A 482 -0.94 16.27 1.44
C TYR A 482 -0.90 16.29 3.00
N PRO A 483 -1.86 16.97 3.65
CA PRO A 483 -1.86 17.02 5.12
C PRO A 483 -2.19 15.69 5.81
N LEU A 484 -1.81 15.59 7.07
CA LEU A 484 -2.14 14.42 7.89
C LEU A 484 -3.65 14.15 7.86
N GLN A 485 -4.03 12.91 7.57
CA GLN A 485 -5.42 12.46 7.48
C GLN A 485 -5.88 11.75 8.76
N ASP A 486 -7.18 11.85 9.05
CA ASP A 486 -7.82 11.30 10.25
C ASP A 486 -8.71 10.11 9.89
N GLY A 487 -8.95 9.22 10.87
CA GLY A 487 -9.77 8.04 10.69
C GLY A 487 -9.39 6.97 11.70
N PHE A 488 -8.52 6.05 11.33
CA PHE A 488 -7.95 5.92 9.99
C PHE A 488 -7.78 4.42 9.80
N GLY A 489 -8.34 3.90 8.70
CA GLY A 489 -8.46 2.45 8.52
C GLY A 489 -7.45 1.52 9.16
N TRP A 490 -6.21 1.53 8.64
CA TRP A 490 -5.19 0.58 9.09
C TRP A 490 -4.63 0.90 10.48
N THR A 491 -4.70 2.15 10.91
CA THR A 491 -4.37 2.48 12.31
C THR A 491 -5.37 1.82 13.27
N ASN A 492 -6.66 2.00 12.98
CA ASN A 492 -7.76 1.38 13.76
C ASN A 492 -7.69 -0.12 13.76
N GLY A 493 -7.46 -0.69 12.59
CA GLY A 493 -7.37 -2.15 12.47
C GLY A 493 -6.19 -2.71 13.24
N VAL A 494 -5.00 -2.14 13.02
CA VAL A 494 -3.78 -2.58 13.71
C VAL A 494 -3.86 -2.34 15.24
N THR A 495 -4.42 -1.19 15.63
CA THR A 495 -4.60 -0.86 17.06
C THR A 495 -5.43 -1.92 17.80
N LEU A 496 -6.59 -2.27 17.26
CA LEU A 496 -7.46 -3.31 17.83
C LEU A 496 -6.77 -4.65 17.97
N LYS A 497 -6.12 -5.09 16.89
CA LYS A 497 -5.33 -6.32 16.89
C LYS A 497 -4.31 -6.30 18.02
N MSE A 498 -3.48 -5.26 18.07
CA MSE A 498 -2.45 -5.14 19.10
C MSE A 498 -3.02 -5.00 20.50
O MSE A 498 -2.52 -5.58 21.42
CB MSE A 498 -1.50 -3.98 18.80
CG MSE A 498 -0.47 -4.30 17.76
SE MSE A 498 0.66 -2.75 17.42
CE MSE A 498 1.85 -3.66 16.15
N LEU A 499 -4.08 -4.21 20.63
CA LEU A 499 -4.73 -4.01 21.93
C LEU A 499 -5.15 -5.35 22.54
N ASP A 500 -5.82 -6.18 21.73
CA ASP A 500 -6.25 -7.54 22.10
C ASP A 500 -5.10 -8.49 22.49
N LEU A 501 -3.91 -8.28 21.94
CA LEU A 501 -2.75 -9.12 22.24
C LEU A 501 -1.91 -8.73 23.47
N ILE A 502 -1.87 -7.44 23.82
CA ILE A 502 -1.01 -6.97 24.92
C ILE A 502 -1.64 -7.18 26.32
N CYS A 503 -2.95 -7.41 26.34
CA CYS A 503 -3.66 -7.65 27.58
C CYS A 503 -4.20 -9.06 27.57
N PRO A 504 -4.17 -9.76 28.73
CA PRO A 504 -4.66 -11.14 28.80
C PRO A 504 -6.13 -11.22 28.41
N LYS A 505 -6.57 -12.40 27.95
CA LYS A 505 -7.97 -12.62 27.58
C LYS A 505 -8.88 -12.58 28.82
N GLU A 506 -8.32 -12.97 29.97
CA GLU A 506 -9.01 -12.88 31.26
C GLU A 506 -9.51 -11.44 31.51
N GLN A 507 -8.59 -10.48 31.41
CA GLN A 507 -8.91 -9.06 31.56
C GLN A 507 -8.48 -8.22 30.33
N PRO A 508 -9.37 -8.11 29.31
CA PRO A 508 -9.12 -7.30 28.12
C PRO A 508 -9.15 -5.78 28.45
N CYS A 509 -8.39 -4.98 27.70
CA CYS A 509 -8.31 -3.56 27.95
CA CYS A 509 -8.33 -3.54 27.94
C CYS A 509 -9.05 -2.73 26.89
N ASP A 510 -9.71 -1.67 27.31
CA ASP A 510 -10.40 -0.78 26.39
C ASP A 510 -9.56 0.44 26.03
N ASN A 511 -8.52 0.68 26.83
CA ASN A 511 -7.51 1.69 26.57
C ASN A 511 -6.17 1.03 26.78
N VAL A 512 -5.12 1.59 26.19
CA VAL A 512 -3.77 1.10 26.40
C VAL A 512 -3.36 1.49 27.81
N PRO A 513 -2.97 0.49 28.63
CA PRO A 513 -2.63 0.78 30.01
C PRO A 513 -1.22 1.38 30.18
N ALA A 514 -1.01 2.01 31.34
CA ALA A 514 0.25 2.65 31.68
C ALA A 514 1.27 1.63 32.20
N THR A 515 0.79 0.45 32.60
CA THR A 515 1.65 -0.64 33.06
C THR A 515 1.41 -1.83 32.17
N ARG A 516 2.48 -2.51 31.77
CA ARG A 516 2.35 -3.79 31.12
C ARG A 516 1.90 -4.86 32.12
N PRO A 517 0.87 -5.65 31.76
CA PRO A 517 0.43 -6.72 32.66
C PRO A 517 1.31 -7.94 32.54
O7 VDM B . -4.39 5.25 2.97
C7 VDM B . -4.40 5.23 1.55
C5 VDM B . -2.98 5.53 1.16
C6 VDM B . -2.67 6.78 0.76
C4 VDM B . -1.96 4.42 1.31
O4 VDM B . -2.37 3.19 0.73
C3 VDM B . -0.62 4.78 0.70
O3 VDM B . 0.32 3.81 1.19
C2 VDM B . -0.26 6.22 1.08
O2 VDM B . 1.11 6.49 0.79
C1 VDM B . -1.25 7.17 0.35
N1' VDM B . -1.14 7.13 -1.12
C1' VDM B . -2.28 7.49 -1.97
C2' VDM B . -2.42 6.63 -3.22
O2' VDM B . -2.17 5.25 -2.92
C6' VDM B . -2.37 9.01 -2.27
C5' VDM B . -1.67 9.49 -3.54
C7' VDM B . -2.01 10.94 -3.86
O7' VDM B . -1.62 11.79 -2.76
C4' VDM B . -1.94 8.55 -4.73
O4' VDM B . -1.25 9.00 -5.91
C3' VDM B . -1.52 7.13 -4.37
O3' VDM B . -1.64 6.27 -5.51
#